data_5C7A
#
_entry.id   5C7A
#
_cell.length_a   71.401
_cell.length_b   71.401
_cell.length_c   105.242
_cell.angle_alpha   90.00
_cell.angle_beta   90.00
_cell.angle_gamma   90.00
#
_symmetry.space_group_name_H-M   'P 41 2 2'
#
loop_
_entity.id
_entity.type
_entity.pdbx_description
1 polymer 'E3 ubiquitin-protein ligase XIAP'
2 non-polymer 'ZINC ION'
3 non-polymer (2R)-4-[2-(2,3-dihydro-1H-indol-1-yl)-2-oxoethyl]-2-methylpiperazin-1-ium
4 water water
#
_entity_poly.entity_id   1
_entity_poly.type   'polypeptide(L)'
_entity_poly.pdbx_seq_one_letter_code
;GSHMNFPNSTNLPRNPSMADYEARIFTFGTWIYSVNKEQLARAGFYALGEGDKVKCFHCGGGLTDWKPSEDPWEQHAKWY
PGCKYLLEQKGQEYINNIHLTHSLEECLVR
;
_entity_poly.pdbx_strand_id   A
#
# COMPACT_ATOMS: atom_id res chain seq x y z
N ASN A 5 -1.74 13.48 -8.66
CA ASN A 5 -3.03 12.74 -8.91
C ASN A 5 -3.84 12.42 -7.63
N PHE A 6 -5.13 12.74 -7.63
CA PHE A 6 -5.94 12.57 -6.40
C PHE A 6 -6.17 11.09 -6.07
N PRO A 7 -6.27 10.74 -4.77
CA PRO A 7 -6.51 9.31 -4.43
C PRO A 7 -7.96 8.90 -4.69
N ASN A 8 -8.13 7.72 -5.29
CA ASN A 8 -9.46 7.15 -5.49
C ASN A 8 -10.05 6.66 -4.18
N SER A 9 -11.16 7.28 -3.79
CA SER A 9 -11.90 6.88 -2.59
C SER A 9 -13.24 6.23 -2.86
N THR A 10 -13.49 5.85 -4.12
CA THR A 10 -14.72 5.08 -4.46
C THR A 10 -14.46 3.60 -4.19
N ASN A 11 -15.56 2.83 -4.20
CA ASN A 11 -15.52 1.37 -4.02
C ASN A 11 -15.10 0.64 -5.28
N LEU A 12 -14.81 1.39 -6.34
CA LEU A 12 -14.40 0.86 -7.62
C LEU A 12 -12.91 1.13 -7.86
N PRO A 13 -12.15 0.06 -8.21
CA PRO A 13 -10.69 0.18 -8.39
C PRO A 13 -10.28 1.04 -9.58
N ARG A 14 -9.25 1.86 -9.38
CA ARG A 14 -8.70 2.65 -10.46
C ARG A 14 -8.08 1.78 -11.55
N ASN A 15 -7.39 0.71 -11.16
CA ASN A 15 -6.79 -0.20 -12.12
C ASN A 15 -7.32 -1.64 -11.99
N PRO A 16 -8.48 -1.93 -12.59
CA PRO A 16 -9.04 -3.28 -12.48
C PRO A 16 -8.22 -4.42 -13.10
N SER A 17 -7.36 -4.14 -14.09
CA SER A 17 -6.45 -5.17 -14.65
C SER A 17 -5.50 -5.75 -13.57
N MET A 18 -5.31 -4.95 -12.50
CA MET A 18 -4.46 -5.31 -11.37
C MET A 18 -5.24 -5.73 -10.10
N ALA A 19 -6.52 -6.05 -10.26
CA ALA A 19 -7.37 -6.48 -9.14
C ALA A 19 -7.02 -7.86 -8.57
N ASP A 20 -6.54 -8.77 -9.41
CA ASP A 20 -6.14 -10.11 -8.96
C ASP A 20 -4.73 -10.11 -8.39
N TYR A 21 -4.57 -10.79 -7.26
CA TYR A 21 -3.26 -11.01 -6.65
C TYR A 21 -2.21 -11.47 -7.68
N GLU A 22 -2.58 -12.48 -8.49
CA GLU A 22 -1.71 -13.05 -9.52
C GLU A 22 -1.19 -12.02 -10.53
N ALA A 23 -2.10 -11.21 -11.07
CA ALA A 23 -1.72 -10.13 -11.96
C ALA A 23 -0.68 -9.19 -11.34
N ARG A 24 -0.89 -8.83 -10.07
CA ARG A 24 0.03 -7.94 -9.35
C ARG A 24 1.41 -8.57 -9.15
N ILE A 25 1.40 -9.85 -8.74
CA ILE A 25 2.64 -10.60 -8.52
C ILE A 25 3.57 -10.57 -9.76
N PHE A 26 3.01 -10.82 -10.96
CA PHE A 26 3.78 -10.80 -12.21
C PHE A 26 4.54 -9.49 -12.48
N THR A 27 4.00 -8.37 -12.01
CA THR A 27 4.59 -7.06 -12.30
C THR A 27 5.98 -6.83 -11.68
N PHE A 28 6.29 -7.57 -10.61
CA PHE A 28 7.53 -7.40 -9.89
C PHE A 28 8.73 -7.98 -10.65
N GLY A 29 8.61 -9.23 -11.11
CA GLY A 29 9.73 -9.96 -11.68
C GLY A 29 10.70 -10.29 -10.55
N THR A 30 11.99 -10.40 -10.87
CA THR A 30 13.00 -10.56 -9.83
C THR A 30 13.08 -9.26 -9.01
N TRP A 31 12.90 -9.40 -7.70
CA TRP A 31 12.69 -8.25 -6.82
C TRP A 31 13.81 -8.23 -5.83
N ILE A 32 14.70 -7.24 -5.94
CA ILE A 32 15.91 -7.19 -5.09
C ILE A 32 15.68 -6.45 -3.76
N TYR A 33 14.54 -5.76 -3.68
CA TYR A 33 14.31 -4.77 -2.63
C TYR A 33 13.96 -5.35 -1.28
N SER A 34 14.11 -4.52 -0.25
CA SER A 34 14.10 -4.97 1.14
C SER A 34 12.71 -5.44 1.60
N VAL A 35 11.67 -4.92 0.96
CA VAL A 35 10.30 -5.35 1.27
C VAL A 35 9.82 -6.49 0.36
N ASN A 36 9.12 -7.43 0.99
CA ASN A 36 8.61 -8.65 0.44
C ASN A 36 7.53 -8.43 -0.65
N LYS A 37 7.74 -9.01 -1.85
CA LYS A 37 6.85 -8.75 -2.98
C LYS A 37 5.46 -9.36 -2.81
N GLU A 38 5.40 -10.55 -2.20
CA GLU A 38 4.11 -11.18 -1.87
C GLU A 38 3.31 -10.36 -0.86
N GLN A 39 4.02 -9.82 0.14
CA GLN A 39 3.44 -8.93 1.16
C GLN A 39 2.90 -7.63 0.52
N LEU A 40 3.63 -7.10 -0.45
CA LEU A 40 3.23 -5.92 -1.20
C LEU A 40 1.99 -6.21 -2.03
N ALA A 41 2.01 -7.34 -2.75
CA ALA A 41 0.90 -7.72 -3.60
C ALA A 41 -0.36 -7.99 -2.80
N ARG A 42 -0.21 -8.61 -1.64
CA ARG A 42 -1.31 -8.85 -0.69
C ARG A 42 -1.95 -7.56 -0.18
N ALA A 43 -1.12 -6.53 -0.01
CA ALA A 43 -1.58 -5.22 0.39
C ALA A 43 -2.09 -4.36 -0.81
N GLY A 44 -2.28 -4.99 -1.96
CA GLY A 44 -2.91 -4.35 -3.12
C GLY A 44 -1.97 -3.68 -4.10
N PHE A 45 -0.67 -3.80 -3.83
CA PHE A 45 0.36 -3.14 -4.64
C PHE A 45 0.88 -3.97 -5.80
N TYR A 46 1.23 -3.27 -6.88
CA TYR A 46 1.92 -3.86 -8.04
C TYR A 46 3.09 -2.93 -8.37
N ALA A 47 4.14 -3.50 -8.97
CA ALA A 47 5.35 -2.75 -9.30
C ALA A 47 5.18 -1.95 -10.59
N LEU A 48 5.74 -0.74 -10.60
CA LEU A 48 5.81 0.08 -11.84
C LEU A 48 7.07 -0.18 -12.69
N GLY A 49 8.05 -0.89 -12.10
CA GLY A 49 9.33 -1.14 -12.75
C GLY A 49 10.25 0.07 -12.69
N GLU A 50 9.95 0.99 -11.75
CA GLU A 50 10.73 2.22 -11.50
C GLU A 50 11.36 2.08 -10.11
N GLY A 51 12.51 1.42 -10.03
CA GLY A 51 13.08 1.07 -8.72
C GLY A 51 12.07 0.26 -7.92
N ASP A 52 11.87 0.64 -6.66
CA ASP A 52 10.91 -0.04 -5.78
C ASP A 52 9.53 0.65 -5.69
N LYS A 53 9.22 1.53 -6.64
CA LYS A 53 7.90 2.19 -6.68
C LYS A 53 6.76 1.20 -6.96
N VAL A 54 5.74 1.25 -6.12
CA VAL A 54 4.52 0.44 -6.28
C VAL A 54 3.30 1.37 -6.30
N LYS A 55 2.18 0.90 -6.84
CA LYS A 55 0.90 1.63 -6.80
C LYS A 55 -0.13 0.67 -6.32
N CYS A 56 -1.06 1.14 -5.50
CA CYS A 56 -2.24 0.33 -5.19
C CYS A 56 -3.17 0.26 -6.42
N PHE A 57 -3.70 -0.93 -6.71
CA PHE A 57 -4.61 -1.14 -7.86
C PHE A 57 -5.92 -0.39 -7.69
N HIS A 58 -6.29 -0.16 -6.43
CA HIS A 58 -7.59 0.36 -6.10
C HIS A 58 -7.61 1.87 -5.96
N CYS A 59 -6.86 2.40 -4.98
CA CYS A 59 -6.76 3.84 -4.78
C CYS A 59 -5.80 4.55 -5.76
N GLY A 60 -4.94 3.78 -6.43
CA GLY A 60 -3.90 4.34 -7.29
C GLY A 60 -2.71 4.91 -6.53
N GLY A 61 -2.73 4.79 -5.20
CA GLY A 61 -1.75 5.45 -4.36
C GLY A 61 -0.35 4.89 -4.52
N GLY A 62 0.62 5.78 -4.73
CA GLY A 62 2.00 5.37 -4.96
C GLY A 62 2.89 5.54 -3.74
N LEU A 63 3.96 4.74 -3.70
CA LEU A 63 4.86 4.60 -2.54
C LEU A 63 6.26 4.15 -3.02
N THR A 64 7.33 4.79 -2.54
CA THR A 64 8.73 4.46 -2.91
C THR A 64 9.67 4.36 -1.71
N ASP A 65 10.92 4.00 -1.98
CA ASP A 65 12.02 4.02 -1.01
C ASP A 65 11.69 3.25 0.26
N TRP A 66 11.43 1.98 0.05
CA TRP A 66 11.02 1.04 1.07
C TRP A 66 12.23 0.70 1.92
N LYS A 67 12.13 1.02 3.21
CA LYS A 67 13.08 0.61 4.24
C LYS A 67 12.62 -0.77 4.75
N PRO A 68 13.55 -1.62 5.26
CA PRO A 68 13.17 -2.96 5.79
C PRO A 68 12.10 -2.96 6.91
N SER A 69 12.08 -1.88 7.69
CA SER A 69 11.13 -1.69 8.80
C SER A 69 9.74 -1.13 8.38
N GLU A 70 9.51 -0.92 7.09
CA GLU A 70 8.26 -0.36 6.62
C GLU A 70 7.34 -1.47 6.14
N ASP A 71 6.18 -1.59 6.78
CA ASP A 71 5.19 -2.60 6.45
C ASP A 71 4.23 -2.08 5.35
N PRO A 72 4.03 -2.87 4.26
CA PRO A 72 3.09 -2.50 3.18
C PRO A 72 1.70 -2.03 3.65
N TRP A 73 1.04 -2.81 4.51
CA TRP A 73 -0.29 -2.44 5.01
C TRP A 73 -0.30 -1.13 5.80
N GLU A 74 0.62 -0.99 6.74
CA GLU A 74 0.80 0.23 7.49
C GLU A 74 1.03 1.47 6.63
N GLN A 75 1.92 1.35 5.63
CA GLN A 75 2.21 2.45 4.71
C GLN A 75 0.98 2.78 3.84
N HIS A 76 0.24 1.74 3.45
CA HIS A 76 -1.01 1.89 2.71
C HIS A 76 -1.96 2.78 3.48
N ALA A 77 -2.10 2.49 4.79
CA ALA A 77 -2.96 3.25 5.68
C ALA A 77 -2.42 4.63 5.98
N LYS A 78 -1.10 4.73 6.20
CA LYS A 78 -0.46 6.04 6.46
C LYS A 78 -0.82 7.05 5.37
N TRP A 79 -0.57 6.69 4.12
CA TRP A 79 -0.59 7.63 3.01
C TRP A 79 -1.90 7.64 2.22
N TYR A 80 -2.65 6.53 2.27
CA TYR A 80 -3.91 6.40 1.51
C TYR A 80 -5.06 5.94 2.38
N PRO A 81 -5.37 6.72 3.45
CA PRO A 81 -6.36 6.31 4.42
C PRO A 81 -7.80 6.19 3.88
N GLY A 82 -8.08 6.80 2.71
CA GLY A 82 -9.40 6.73 2.09
C GLY A 82 -9.65 5.53 1.18
N CYS A 83 -8.66 4.66 1.03
CA CYS A 83 -8.73 3.53 0.10
C CYS A 83 -9.74 2.47 0.53
N LYS A 84 -10.74 2.24 -0.33
CA LYS A 84 -11.80 1.29 -0.03
C LYS A 84 -11.32 -0.16 0.05
N TYR A 85 -10.32 -0.52 -0.76
CA TYR A 85 -9.66 -1.83 -0.67
C TYR A 85 -8.99 -2.09 0.69
N LEU A 86 -8.14 -1.16 1.12
CA LEU A 86 -7.65 -1.10 2.51
C LEU A 86 -8.74 -1.30 3.59
N LEU A 87 -9.85 -0.54 3.48
CA LEU A 87 -10.95 -0.64 4.43
C LEU A 87 -11.58 -2.03 4.42
N GLU A 88 -11.82 -2.58 3.22
CA GLU A 88 -12.34 -3.92 3.06
C GLU A 88 -11.44 -4.97 3.74
N GLN A 89 -10.14 -4.89 3.49
CA GLN A 89 -9.19 -5.94 3.90
C GLN A 89 -8.83 -5.91 5.37
N LYS A 90 -8.66 -4.71 5.90
CA LYS A 90 -8.14 -4.50 7.24
C LYS A 90 -9.17 -4.07 8.27
N GLY A 91 -10.19 -3.32 7.86
CA GLY A 91 -11.16 -2.76 8.80
C GLY A 91 -10.78 -1.36 9.27
N GLN A 92 -11.74 -0.65 9.87
CA GLN A 92 -11.53 0.74 10.34
C GLN A 92 -10.83 0.77 11.71
N GLU A 93 -11.08 -0.24 12.55
CA GLU A 93 -10.34 -0.45 13.80
C GLU A 93 -8.81 -0.45 13.59
N TYR A 94 -8.35 -1.22 12.59
CA TYR A 94 -6.94 -1.32 12.23
C TYR A 94 -6.45 0.01 11.70
N ILE A 95 -7.24 0.66 10.83
CA ILE A 95 -6.84 1.94 10.22
C ILE A 95 -6.63 2.99 11.31
N ASN A 96 -7.52 2.99 12.30
CA ASN A 96 -7.40 3.94 13.39
C ASN A 96 -6.19 3.70 14.26
N ASN A 97 -5.98 2.44 14.69
CA ASN A 97 -4.74 2.00 15.35
C ASN A 97 -3.51 2.58 14.66
N ILE A 98 -3.37 2.26 13.38
CA ILE A 98 -2.24 2.68 12.57
C ILE A 98 -2.05 4.20 12.58
N HIS A 99 -3.15 4.94 12.47
CA HIS A 99 -3.02 6.39 12.44
C HIS A 99 -2.67 7.02 13.75
N LEU A 100 -3.34 6.58 14.81
CA LEU A 100 -2.96 6.91 16.18
C LEU A 100 -1.47 6.64 16.45
N THR A 101 -0.98 5.47 16.02
CA THR A 101 0.42 5.06 16.17
C THR A 101 1.38 6.02 15.47
N HIS A 102 1.05 6.39 14.24
CA HIS A 102 1.91 7.27 13.43
C HIS A 102 1.94 8.70 13.96
N SER A 103 0.76 9.23 14.28
CA SER A 103 0.62 10.55 14.90
C SER A 103 1.35 10.65 16.24
N LEU A 104 1.25 9.60 17.05
CA LEU A 104 1.96 9.51 18.35
C LEU A 104 3.46 9.27 18.18
N GLU A 105 3.85 8.63 17.07
CA GLU A 105 5.26 8.42 16.75
C GLU A 105 5.91 9.76 16.40
N GLU A 106 5.19 10.55 15.58
CA GLU A 106 5.62 11.85 15.07
C GLU A 106 5.30 12.99 16.08
N CYS A 107 5.64 12.74 17.35
CA CYS A 107 5.31 13.61 18.46
C CYS A 107 6.13 13.15 19.66
N LEU A 108 6.30 11.83 19.78
CA LEU A 108 7.22 11.24 20.76
C LEU A 108 8.69 11.53 20.41
N VAL A 109 8.99 11.60 19.10
CA VAL A 109 10.35 11.85 18.57
C VAL A 109 10.87 13.27 18.83
N ARG A 110 9.96 14.24 18.79
CA ARG A 110 10.29 15.67 18.78
C ARG A 110 10.64 16.17 20.19
#